data_3RQQ
#
_entry.id   3RQQ
#
_cell.length_a   91.995
_cell.length_b   91.995
_cell.length_c   170.226
_cell.angle_alpha   90.000
_cell.angle_beta   90.000
_cell.angle_gamma   90.000
#
_symmetry.space_group_name_H-M   'I 4 2 2'
#
loop_
_entity.id
_entity.type
_entity.pdbx_description
1 polymer 'ADP/ATP-DEPENDENT NAD(P)H-HYDRATE DEHYDRATASE'
2 non-polymer 'MAGNESIUM ION'
3 non-polymer "BIS(ADENOSINE)-5'-TRIPHOSPHATE"
4 water water
#
_entity_poly.entity_id   1
_entity_poly.type   'polypeptide(L)'
_entity_poly.pdbx_seq_one_letter_code
;SNAMNVPFWTEEHVRATLPERDAESHKGTYGTALLLAGSDDMPGAALLAGLGAMRSGLGKLVIGTSENVIPLIVPVLPEA
TYWRDGWKKAADAQLEETYRAIAIGPGLPQTESVQQAVDHVLTADCPVILDAGALAKRTYPKREGPVILTPHPGEFFRMT
GVPVNELQKKRAEYAKEWAAQLQTVIVLKGNQTVIAFPDGDCWLNPTGNGALAKGGTGDTLTGMILGMLCCHEDPKHAVL
NAVYLHGACAELWTDEHSAHTLLAHELSDILPRVWKRFE
;
_entity_poly.pdbx_strand_id   A
#
loop_
_chem_comp.id
_chem_comp.type
_chem_comp.name
_chem_comp.formula
BA3 non-polymer BIS(ADENOSINE)-5'-TRIPHOSPHATE 'C20 H27 N10 O16 P3'
MG non-polymer 'MAGNESIUM ION' 'Mg 2'
#
# COMPACT_ATOMS: atom_id res chain seq x y z
N ALA A 3 19.27 -12.43 11.89
CA ALA A 3 20.69 -12.87 11.75
C ALA A 3 21.44 -11.90 10.86
N MET A 4 20.71 -11.16 10.03
CA MET A 4 21.33 -10.10 9.24
C MET A 4 21.34 -8.80 10.05
N ASN A 5 20.82 -8.86 11.29
CA ASN A 5 20.70 -7.65 12.09
C ASN A 5 20.08 -6.51 11.29
N VAL A 6 18.86 -6.73 10.87
CA VAL A 6 18.16 -5.70 10.12
C VAL A 6 17.64 -4.67 11.12
N PRO A 7 17.87 -3.38 10.89
CA PRO A 7 17.43 -2.36 11.83
C PRO A 7 15.93 -2.12 11.79
N PHE A 8 15.38 -1.68 12.91
CA PHE A 8 14.01 -1.22 12.96
C PHE A 8 13.88 0.22 12.44
N TRP A 9 12.80 0.48 11.73
CA TRP A 9 12.46 1.85 11.39
C TRP A 9 11.75 2.44 12.61
N THR A 10 12.47 3.21 13.39
CA THR A 10 12.00 3.63 14.70
C THR A 10 11.23 4.94 14.70
N GLU A 11 10.63 5.23 15.85
CA GLU A 11 9.94 6.49 16.05
C GLU A 11 10.81 7.71 15.68
N GLU A 12 12.10 7.66 16.04
CA GLU A 12 12.96 8.78 15.70
C GLU A 12 13.01 9.00 14.18
N HIS A 13 13.13 7.91 13.42
CA HIS A 13 13.20 7.95 11.95
C HIS A 13 11.87 8.48 11.37
N VAL A 14 10.75 8.07 11.93
CA VAL A 14 9.42 8.53 11.50
C VAL A 14 9.32 10.06 11.71
N ARG A 15 9.65 10.48 12.93
CA ARG A 15 9.55 11.91 13.27
C ARG A 15 10.40 12.78 12.38
N ALA A 16 11.57 12.25 12.00
CA ALA A 16 12.52 13.00 11.21
C ALA A 16 12.15 13.12 9.75
N THR A 17 11.24 12.25 9.30
CA THR A 17 10.93 12.11 7.87
C THR A 17 9.50 12.43 7.46
N LEU A 18 8.57 12.52 8.41
CA LEU A 18 7.18 12.86 8.04
C LEU A 18 7.16 14.30 7.52
N PRO A 19 6.32 14.55 6.54
CA PRO A 19 6.27 15.85 5.87
C PRO A 19 5.39 16.82 6.62
N GLU A 20 5.66 18.11 6.41
CA GLU A 20 4.78 19.21 6.81
C GLU A 20 3.68 19.42 5.79
N ARG A 21 2.57 19.95 6.28
CA ARG A 21 1.56 20.44 5.37
C ARG A 21 1.42 21.94 5.48
N ASP A 22 2.22 22.68 4.73
CA ASP A 22 2.32 24.12 4.97
C ASP A 22 1.07 24.91 4.55
N ALA A 23 0.91 26.09 5.15
CA ALA A 23 -0.23 26.99 4.92
C ALA A 23 -0.33 27.41 3.45
N GLU A 24 0.83 27.55 2.80
CA GLU A 24 0.93 27.95 1.38
C GLU A 24 0.75 26.75 0.42
N SER A 25 -0.13 25.81 0.76
CA SER A 25 -0.37 24.63 -0.09
C SER A 25 -1.77 24.57 -0.69
N HIS A 26 -1.85 23.92 -1.85
CA HIS A 26 -3.13 23.63 -2.50
C HIS A 26 -3.16 22.14 -2.80
N LYS A 27 -4.34 21.59 -3.14
CA LYS A 27 -4.42 20.12 -3.30
C LYS A 27 -3.47 19.58 -4.39
N GLY A 28 -3.22 20.40 -5.42
CA GLY A 28 -2.20 20.08 -6.42
C GLY A 28 -0.82 19.81 -5.87
N THR A 29 -0.45 20.52 -4.79
CA THR A 29 0.84 20.31 -4.17
C THR A 29 0.96 18.87 -3.73
N TYR A 30 -0.15 18.33 -3.24
CA TYR A 30 -0.13 16.98 -2.70
C TYR A 30 -0.56 15.90 -3.66
N GLY A 31 -0.91 16.25 -4.88
CA GLY A 31 -0.92 15.27 -5.95
C GLY A 31 -2.21 14.47 -6.03
N THR A 32 -2.40 13.85 -7.17
CA THR A 32 -3.56 13.01 -7.46
C THR A 32 -3.10 11.58 -7.52
N ALA A 33 -3.69 10.74 -6.68
CA ALA A 33 -3.46 9.31 -6.69
C ALA A 33 -4.51 8.59 -7.51
N LEU A 34 -4.13 7.45 -8.08
CA LEU A 34 -5.07 6.51 -8.72
C LEU A 34 -5.05 5.20 -7.97
N LEU A 35 -6.24 4.74 -7.61
CA LEU A 35 -6.44 3.46 -6.95
C LEU A 35 -7.26 2.57 -7.87
N LEU A 36 -6.65 1.49 -8.34
CA LEU A 36 -7.29 0.48 -9.21
C LEU A 36 -7.60 -0.72 -8.30
N ALA A 37 -8.85 -0.79 -7.83
CA ALA A 37 -9.21 -1.74 -6.78
C ALA A 37 -10.70 -1.95 -6.75
N GLY A 38 -11.12 -3.09 -6.22
CA GLY A 38 -12.53 -3.41 -6.02
C GLY A 38 -13.19 -4.01 -7.24
N SER A 39 -13.83 -5.14 -7.03
CA SER A 39 -14.56 -5.83 -8.12
C SER A 39 -15.87 -6.23 -7.56
N ASP A 40 -16.79 -6.57 -8.46
CA ASP A 40 -18.15 -6.85 -7.99
C ASP A 40 -18.08 -7.96 -6.95
N ASP A 41 -17.17 -8.89 -7.16
CA ASP A 41 -17.06 -9.99 -6.24
C ASP A 41 -16.27 -9.68 -4.93
N MET A 42 -15.37 -8.69 -4.93
CA MET A 42 -14.58 -8.27 -3.75
C MET A 42 -14.62 -6.74 -3.63
N PRO A 43 -15.78 -6.16 -3.25
CA PRO A 43 -15.94 -4.71 -3.34
C PRO A 43 -15.28 -3.94 -2.20
N GLY A 44 -15.26 -4.55 -1.01
CA GLY A 44 -14.86 -3.82 0.21
C GLY A 44 -13.44 -3.30 0.18
N ALA A 45 -12.55 -4.01 -0.52
CA ALA A 45 -11.16 -3.63 -0.61
C ALA A 45 -10.98 -2.22 -1.15
N ALA A 46 -11.85 -1.82 -2.08
CA ALA A 46 -11.76 -0.48 -2.63
C ALA A 46 -12.09 0.60 -1.59
N LEU A 47 -13.10 0.35 -0.77
CA LEU A 47 -13.45 1.29 0.29
C LEU A 47 -12.30 1.38 1.32
N LEU A 48 -11.79 0.20 1.70
CA LEU A 48 -10.70 0.20 2.71
C LEU A 48 -9.45 0.96 2.22
N ALA A 49 -9.02 0.63 0.99
CA ALA A 49 -7.84 1.27 0.40
C ALA A 49 -8.13 2.73 0.10
N GLY A 50 -9.35 3.05 -0.32
CA GLY A 50 -9.69 4.44 -0.58
C GLY A 50 -9.64 5.33 0.64
N LEU A 51 -10.19 4.85 1.74
CA LEU A 51 -10.17 5.56 3.00
C LEU A 51 -8.71 5.71 3.49
N GLY A 52 -7.93 4.62 3.40
CA GLY A 52 -6.54 4.68 3.78
C GLY A 52 -5.79 5.74 3.02
N ALA A 53 -6.01 5.78 1.73
CA ALA A 53 -5.31 6.74 0.85
C ALA A 53 -5.71 8.18 1.16
N MET A 54 -7.03 8.47 1.22
CA MET A 54 -7.44 9.85 1.48
C MET A 54 -7.08 10.36 2.86
N ARG A 55 -6.99 9.44 3.83
CA ARG A 55 -6.51 9.79 5.13
C ARG A 55 -5.02 10.12 5.16
N SER A 56 -4.29 9.73 4.12
CA SER A 56 -2.84 9.70 4.21
C SER A 56 -2.13 10.80 3.43
N GLY A 57 -2.77 11.97 3.29
CA GLY A 57 -2.05 13.17 2.85
C GLY A 57 -2.00 13.49 1.36
N LEU A 58 -2.73 12.75 0.55
CA LEU A 58 -2.84 13.08 -0.86
C LEU A 58 -3.66 14.37 -1.07
N GLY A 59 -3.69 14.84 -2.33
CA GLY A 59 -4.50 16.01 -2.67
C GLY A 59 -5.83 15.59 -3.27
N LYS A 60 -5.83 14.60 -4.14
CA LYS A 60 -7.05 14.10 -4.79
C LYS A 60 -6.90 12.58 -4.94
N LEU A 61 -8.02 11.87 -4.96
CA LEU A 61 -8.04 10.44 -5.23
C LEU A 61 -9.01 10.11 -6.33
N VAL A 62 -8.52 9.41 -7.35
CA VAL A 62 -9.39 8.81 -8.38
C VAL A 62 -9.39 7.28 -8.12
N ILE A 63 -10.57 6.73 -7.97
CA ILE A 63 -10.78 5.28 -7.75
C ILE A 63 -11.32 4.69 -9.07
N GLY A 64 -10.50 3.88 -9.70
CA GLY A 64 -10.87 3.14 -10.90
C GLY A 64 -11.40 1.78 -10.50
N THR A 65 -12.62 1.74 -10.06
CA THR A 65 -13.24 0.52 -9.60
C THR A 65 -14.36 0.11 -10.55
N SER A 66 -14.85 -1.11 -10.36
CA SER A 66 -15.97 -1.57 -11.12
C SER A 66 -17.18 -0.69 -10.92
N GLU A 67 -17.94 -0.45 -11.98
CA GLU A 67 -19.10 0.40 -11.93
C GLU A 67 -20.04 0.15 -10.74
N ASN A 68 -20.32 -1.12 -10.45
CA ASN A 68 -21.23 -1.46 -9.35
C ASN A 68 -20.68 -1.23 -7.93
N VAL A 69 -19.38 -1.04 -7.83
CA VAL A 69 -18.73 -0.76 -6.55
C VAL A 69 -18.79 0.71 -6.19
N ILE A 70 -18.79 1.59 -7.19
CA ILE A 70 -18.85 3.02 -6.94
C ILE A 70 -19.91 3.43 -5.91
N PRO A 71 -21.17 3.03 -6.07
CA PRO A 71 -22.22 3.48 -5.12
C PRO A 71 -21.97 3.01 -3.68
N LEU A 72 -21.14 1.98 -3.49
CA LEU A 72 -20.84 1.48 -2.14
C LEU A 72 -19.78 2.30 -1.41
N ILE A 73 -19.01 3.06 -2.16
CA ILE A 73 -17.94 3.89 -1.63
C ILE A 73 -18.43 5.28 -1.30
N VAL A 74 -19.24 5.85 -2.18
CA VAL A 74 -19.64 7.26 -2.09
C VAL A 74 -20.14 7.72 -0.71
N PRO A 75 -21.06 7.00 -0.08
CA PRO A 75 -21.63 7.49 1.18
C PRO A 75 -20.61 7.55 2.29
N VAL A 76 -19.58 6.73 2.20
CA VAL A 76 -18.54 6.65 3.23
C VAL A 76 -17.33 7.58 2.91
N LEU A 77 -17.06 7.77 1.62
CA LEU A 77 -15.90 8.50 1.16
C LEU A 77 -16.32 9.42 0.00
N PRO A 78 -17.18 10.41 0.34
CA PRO A 78 -17.67 11.28 -0.75
C PRO A 78 -16.60 12.21 -1.38
N GLU A 79 -15.41 12.21 -0.80
CA GLU A 79 -14.30 13.02 -1.28
C GLU A 79 -13.57 12.41 -2.45
N ALA A 80 -13.78 11.10 -2.69
CA ALA A 80 -13.17 10.43 -3.84
C ALA A 80 -13.90 10.71 -5.12
N THR A 81 -13.18 10.72 -6.22
CA THR A 81 -13.78 10.71 -7.54
C THR A 81 -13.43 9.40 -8.25
N TYR A 82 -14.03 9.20 -9.42
CA TYR A 82 -14.06 7.84 -10.03
C TYR A 82 -13.61 7.85 -11.49
N TRP A 83 -12.97 6.77 -11.88
CA TRP A 83 -12.74 6.36 -13.25
C TRP A 83 -13.53 5.09 -13.39
N ARG A 84 -14.70 5.20 -14.03
CA ARG A 84 -15.63 4.09 -14.07
C ARG A 84 -15.02 2.89 -14.80
N ASP A 85 -15.03 1.73 -14.15
CA ASP A 85 -14.38 0.48 -14.67
C ASP A 85 -12.92 0.70 -15.01
N GLY A 86 -12.25 1.55 -14.24
CA GLY A 86 -10.89 1.92 -14.54
C GLY A 86 -9.92 0.77 -14.61
N TRP A 87 -9.98 -0.15 -13.64
CA TRP A 87 -9.00 -1.27 -13.63
C TRP A 87 -9.17 -2.17 -14.87
N LYS A 88 -10.38 -2.25 -15.37
CA LYS A 88 -10.64 -3.02 -16.61
C LYS A 88 -10.15 -2.26 -17.83
N LYS A 89 -10.47 -0.98 -17.90
CA LYS A 89 -10.01 -0.10 -18.97
C LYS A 89 -8.49 -0.05 -19.10
N ALA A 90 -7.81 -0.05 -17.95
CA ALA A 90 -6.34 -0.05 -17.95
C ALA A 90 -5.72 -1.30 -18.58
N ALA A 91 -6.48 -2.40 -18.73
CA ALA A 91 -5.98 -3.58 -19.45
C ALA A 91 -5.77 -3.28 -20.93
N ASP A 92 -6.51 -2.31 -21.47
CA ASP A 92 -6.53 -2.05 -22.89
C ASP A 92 -5.65 -0.91 -23.37
N ALA A 93 -5.23 0.00 -22.48
CA ALA A 93 -4.48 1.16 -23.02
C ALA A 93 -3.70 1.82 -21.94
N GLN A 94 -2.65 2.51 -22.36
CA GLN A 94 -1.84 3.29 -21.42
C GLN A 94 -2.70 4.37 -20.81
N LEU A 95 -2.37 4.78 -19.58
CA LEU A 95 -3.11 5.86 -18.98
C LEU A 95 -2.80 7.18 -19.70
N GLU A 96 -3.83 8.00 -19.88
CA GLU A 96 -3.67 9.31 -20.49
C GLU A 96 -3.41 10.42 -19.47
N GLU A 97 -3.87 10.21 -18.24
CA GLU A 97 -3.72 11.20 -17.17
C GLU A 97 -2.44 10.94 -16.37
N THR A 98 -1.91 11.99 -15.77
CA THR A 98 -0.69 11.92 -14.97
C THR A 98 -1.11 11.80 -13.50
N TYR A 99 -0.53 10.86 -12.80
CA TYR A 99 -0.81 10.62 -11.40
C TYR A 99 0.48 10.72 -10.62
N ARG A 100 0.39 11.16 -9.38
CA ARG A 100 1.54 11.20 -8.49
C ARG A 100 1.96 9.82 -8.01
N ALA A 101 1.01 8.91 -7.93
CA ALA A 101 1.25 7.56 -7.52
C ALA A 101 0.05 6.71 -7.88
N ILE A 102 0.27 5.44 -8.04
CA ILE A 102 -0.77 4.47 -8.46
C ILE A 102 -0.71 3.24 -7.59
N ALA A 103 -1.85 2.72 -7.15
CA ALA A 103 -1.92 1.38 -6.58
C ALA A 103 -2.88 0.54 -7.37
N ILE A 104 -2.55 -0.75 -7.51
CA ILE A 104 -3.38 -1.70 -8.22
C ILE A 104 -3.47 -3.01 -7.43
N GLY A 105 -4.65 -3.59 -7.36
CA GLY A 105 -4.78 -4.99 -6.88
C GLY A 105 -5.77 -5.33 -5.80
N PRO A 106 -5.92 -4.47 -4.77
CA PRO A 106 -6.87 -4.86 -3.70
C PRO A 106 -8.24 -5.16 -4.29
N GLY A 107 -8.80 -6.30 -3.90
CA GLY A 107 -10.09 -6.71 -4.43
C GLY A 107 -10.19 -7.03 -5.92
N LEU A 108 -9.05 -7.22 -6.57
CA LEU A 108 -9.01 -7.62 -7.95
C LEU A 108 -8.65 -9.08 -8.05
N PRO A 109 -9.24 -9.75 -9.03
CA PRO A 109 -8.92 -11.17 -9.26
C PRO A 109 -7.54 -11.40 -9.82
N GLN A 110 -7.03 -12.60 -9.63
CA GLN A 110 -5.69 -12.95 -10.02
C GLN A 110 -5.68 -13.39 -11.46
N THR A 111 -5.91 -12.46 -12.36
CA THR A 111 -6.13 -12.84 -13.75
C THR A 111 -5.07 -12.19 -14.67
N GLU A 112 -5.04 -12.70 -15.90
CA GLU A 112 -4.20 -12.16 -16.95
C GLU A 112 -4.57 -10.72 -17.28
N SER A 113 -5.87 -10.39 -17.25
CA SER A 113 -6.31 -9.03 -17.58
C SER A 113 -5.80 -8.02 -16.55
N VAL A 114 -5.69 -8.43 -15.29
CA VAL A 114 -5.14 -7.60 -14.25
C VAL A 114 -3.63 -7.40 -14.50
N GLN A 115 -2.95 -8.44 -14.96
CA GLN A 115 -1.56 -8.26 -15.36
C GLN A 115 -1.36 -7.33 -16.55
N GLN A 116 -2.28 -7.35 -17.53
CA GLN A 116 -2.25 -6.39 -18.62
C GLN A 116 -2.42 -4.98 -18.11
N ALA A 117 -3.33 -4.78 -17.15
CA ALA A 117 -3.45 -3.47 -16.50
C ALA A 117 -2.14 -3.04 -15.80
N VAL A 118 -1.53 -3.95 -15.05
CA VAL A 118 -0.25 -3.68 -14.44
C VAL A 118 0.79 -3.25 -15.47
N ASP A 119 0.89 -3.97 -16.59
CA ASP A 119 1.87 -3.61 -17.61
C ASP A 119 1.64 -2.18 -18.12
N HIS A 120 0.38 -1.80 -18.34
CA HIS A 120 0.08 -0.47 -18.80
C HIS A 120 0.39 0.60 -17.75
N VAL A 121 0.08 0.35 -16.50
CA VAL A 121 0.32 1.32 -15.41
C VAL A 121 1.84 1.53 -15.24
N LEU A 122 2.62 0.49 -15.45
CA LEU A 122 4.09 0.63 -15.28
C LEU A 122 4.74 1.54 -16.33
N THR A 123 4.06 1.87 -17.43
CA THR A 123 4.63 2.81 -18.39
C THR A 123 4.48 4.27 -17.90
N ALA A 124 3.68 4.51 -16.85
CA ALA A 124 3.58 5.84 -16.26
C ALA A 124 4.88 6.12 -15.50
N ASP A 125 5.16 7.40 -15.24
CA ASP A 125 6.33 7.80 -14.51
C ASP A 125 5.80 8.23 -13.16
N CYS A 126 5.70 7.24 -12.28
CA CYS A 126 5.34 7.48 -10.88
C CYS A 126 5.58 6.18 -10.11
N PRO A 127 5.66 6.27 -8.78
CA PRO A 127 5.63 5.03 -7.98
C PRO A 127 4.35 4.26 -8.19
N VAL A 128 4.46 2.94 -8.17
CA VAL A 128 3.35 2.02 -8.33
C VAL A 128 3.41 0.95 -7.28
N ILE A 129 2.27 0.73 -6.63
CA ILE A 129 2.13 -0.32 -5.65
C ILE A 129 1.30 -1.44 -6.24
N LEU A 130 1.76 -2.69 -6.09
CA LEU A 130 1.02 -3.89 -6.50
C LEU A 130 0.72 -4.70 -5.25
N ASP A 131 -0.56 -5.07 -5.10
CA ASP A 131 -1.05 -5.81 -3.93
C ASP A 131 -2.03 -6.86 -4.43
N ALA A 132 -2.25 -7.86 -3.58
CA ALA A 132 -3.40 -8.78 -3.73
C ALA A 132 -3.44 -9.41 -5.11
N GLY A 133 -4.51 -9.20 -5.86
CA GLY A 133 -4.66 -9.87 -7.17
C GLY A 133 -3.68 -9.44 -8.23
N ALA A 134 -2.99 -8.29 -8.03
CA ALA A 134 -1.97 -7.83 -8.92
C ALA A 134 -0.62 -8.52 -8.67
N LEU A 135 -0.50 -9.28 -7.57
CA LEU A 135 0.74 -10.01 -7.28
C LEU A 135 0.79 -11.35 -8.00
N ALA A 136 1.88 -11.55 -8.73
CA ALA A 136 2.07 -12.72 -9.59
C ALA A 136 3.54 -13.03 -9.70
N LYS A 137 3.83 -14.24 -10.17
CA LYS A 137 5.19 -14.60 -10.55
C LYS A 137 5.50 -13.94 -11.87
N ARG A 138 6.42 -12.99 -11.87
CA ARG A 138 6.70 -12.17 -13.05
C ARG A 138 7.97 -11.36 -12.86
N THR A 139 8.38 -10.64 -13.90
CA THR A 139 9.46 -9.68 -13.80
C THR A 139 8.94 -8.30 -14.18
N TYR A 140 9.78 -7.28 -14.00
CA TYR A 140 9.40 -5.87 -14.03
C TYR A 140 10.33 -5.08 -14.95
N PRO A 141 9.75 -4.16 -15.72
CA PRO A 141 10.57 -3.41 -16.65
C PRO A 141 11.35 -2.28 -15.96
N LYS A 142 12.51 -1.94 -16.52
CA LYS A 142 13.24 -0.82 -16.01
C LYS A 142 12.34 0.38 -16.29
N ARG A 143 12.18 1.25 -15.30
CA ARG A 143 11.26 2.36 -15.44
C ARG A 143 11.58 3.49 -14.49
N GLU A 144 10.88 4.60 -14.65
CA GLU A 144 11.02 5.71 -13.76
C GLU A 144 9.96 5.51 -12.69
N GLY A 145 10.43 5.38 -11.47
CA GLY A 145 9.61 5.29 -10.32
C GLY A 145 9.70 3.89 -9.71
N PRO A 146 9.63 3.80 -8.40
CA PRO A 146 9.71 2.50 -7.76
C PRO A 146 8.47 1.66 -7.97
N VAL A 147 8.65 0.36 -7.94
CA VAL A 147 7.53 -0.60 -7.91
C VAL A 147 7.56 -1.22 -6.50
N ILE A 148 6.40 -1.18 -5.81
CA ILE A 148 6.32 -1.60 -4.41
C ILE A 148 5.35 -2.77 -4.32
N LEU A 149 5.86 -3.96 -3.97
CA LEU A 149 5.03 -5.15 -3.84
C LEU A 149 4.72 -5.37 -2.36
N THR A 150 3.46 -5.67 -2.05
CA THR A 150 3.07 -5.83 -0.66
C THR A 150 2.48 -7.22 -0.32
N PRO A 151 3.26 -8.27 -0.51
CA PRO A 151 2.74 -9.62 -0.26
C PRO A 151 2.67 -10.05 1.21
N HIS A 152 1.62 -10.80 1.53
CA HIS A 152 1.68 -11.69 2.68
C HIS A 152 2.45 -12.94 2.29
N PRO A 153 2.85 -13.75 3.29
CA PRO A 153 3.70 -14.88 2.96
C PRO A 153 3.15 -15.80 1.86
N GLY A 154 1.84 -16.08 1.83
CA GLY A 154 1.28 -16.88 0.77
C GLY A 154 1.42 -16.27 -0.62
N GLU A 155 1.30 -14.94 -0.68
CA GLU A 155 1.49 -14.22 -1.95
C GLU A 155 2.98 -14.24 -2.33
N PHE A 156 3.85 -14.21 -1.35
CA PHE A 156 5.28 -14.27 -1.61
C PHE A 156 5.62 -15.63 -2.24
N PHE A 157 4.98 -16.68 -1.75
CA PHE A 157 5.17 -18.02 -2.29
C PHE A 157 4.70 -18.03 -3.74
N ARG A 158 3.58 -17.38 -4.00
CA ARG A 158 3.05 -17.32 -5.35
C ARG A 158 4.03 -16.62 -6.29
N MET A 159 4.61 -15.54 -5.79
CA MET A 159 5.58 -14.77 -6.53
C MET A 159 6.92 -15.44 -6.83
N THR A 160 7.41 -16.21 -5.87
CA THR A 160 8.81 -16.71 -5.87
C THR A 160 8.99 -18.24 -5.90
N GLY A 161 7.98 -18.98 -5.50
CA GLY A 161 8.12 -20.42 -5.24
C GLY A 161 8.76 -20.79 -3.92
N VAL A 162 9.10 -19.83 -3.05
CA VAL A 162 9.62 -20.15 -1.70
C VAL A 162 8.44 -20.55 -0.84
N PRO A 163 8.39 -21.80 -0.36
CA PRO A 163 7.27 -22.19 0.47
C PRO A 163 7.20 -21.39 1.76
N VAL A 164 5.99 -21.22 2.29
CA VAL A 164 5.72 -20.36 3.42
C VAL A 164 6.47 -20.85 4.66
N ASN A 165 6.48 -22.16 4.86
CA ASN A 165 7.17 -22.68 6.02
C ASN A 165 8.70 -22.43 5.98
N GLU A 166 9.30 -22.30 4.79
CA GLU A 166 10.72 -21.97 4.68
C GLU A 166 10.95 -20.46 4.78
N LEU A 167 10.07 -19.72 4.11
CA LEU A 167 10.08 -18.25 4.17
C LEU A 167 10.10 -17.74 5.61
N GLN A 168 9.22 -18.31 6.44
CA GLN A 168 9.01 -17.77 7.77
C GLN A 168 10.21 -17.97 8.71
N LYS A 169 11.14 -18.85 8.33
CA LYS A 169 12.41 -19.03 9.03
C LYS A 169 13.48 -17.99 8.76
N LYS A 170 13.38 -17.32 7.61
CA LYS A 170 14.43 -16.41 7.14
C LYS A 170 13.79 -15.26 6.38
N ARG A 171 12.81 -14.62 7.02
CA ARG A 171 11.97 -13.67 6.29
C ARG A 171 12.76 -12.55 5.63
N ALA A 172 13.61 -11.87 6.41
CA ALA A 172 14.35 -10.75 5.84
C ALA A 172 15.35 -11.19 4.76
N GLU A 173 15.98 -12.35 4.94
CA GLU A 173 16.92 -12.87 3.96
C GLU A 173 16.23 -13.11 2.61
N TYR A 174 15.04 -13.72 2.63
CA TYR A 174 14.31 -13.95 1.38
C TYR A 174 13.77 -12.65 0.79
N ALA A 175 13.20 -11.78 1.63
CA ALA A 175 12.67 -10.53 1.15
C ALA A 175 13.77 -9.70 0.48
N LYS A 176 14.95 -9.63 1.11
CA LYS A 176 16.07 -8.89 0.54
C LYS A 176 16.53 -9.49 -0.78
N GLU A 177 16.68 -10.81 -0.82
CA GLU A 177 17.15 -11.52 -2.03
C GLU A 177 16.21 -11.23 -3.21
N TRP A 178 14.91 -11.30 -2.96
CA TRP A 178 13.94 -11.11 -4.02
C TRP A 178 13.69 -9.67 -4.42
N ALA A 179 13.81 -8.74 -3.48
CA ALA A 179 13.77 -7.32 -3.83
C ALA A 179 14.92 -7.00 -4.77
N ALA A 180 16.10 -7.55 -4.50
CA ALA A 180 17.24 -7.35 -5.36
C ALA A 180 17.03 -8.03 -6.72
N GLN A 181 16.58 -9.27 -6.74
CA GLN A 181 16.38 -9.97 -7.99
C GLN A 181 15.35 -9.33 -8.88
N LEU A 182 14.22 -8.93 -8.30
CA LEU A 182 13.13 -8.30 -9.07
C LEU A 182 13.36 -6.81 -9.33
N GLN A 183 14.26 -6.21 -8.54
CA GLN A 183 14.43 -4.74 -8.51
C GLN A 183 13.10 -4.00 -8.19
N THR A 184 12.46 -4.48 -7.15
CA THR A 184 11.24 -3.89 -6.60
C THR A 184 11.42 -3.72 -5.09
N VAL A 185 10.66 -2.80 -4.52
CA VAL A 185 10.51 -2.76 -3.07
C VAL A 185 9.61 -3.96 -2.71
N ILE A 186 9.93 -4.66 -1.62
CA ILE A 186 9.05 -5.71 -1.10
C ILE A 186 8.73 -5.40 0.34
N VAL A 187 7.44 -5.19 0.64
CA VAL A 187 6.90 -5.09 1.98
C VAL A 187 6.33 -6.46 2.29
N LEU A 188 7.08 -7.28 3.02
CA LEU A 188 6.68 -8.65 3.34
C LEU A 188 5.98 -8.62 4.67
N LYS A 189 4.68 -8.79 4.61
CA LYS A 189 3.83 -8.61 5.77
C LYS A 189 3.97 -9.72 6.81
N GLY A 190 3.58 -9.38 8.01
CA GLY A 190 3.57 -10.26 9.16
C GLY A 190 3.99 -9.47 10.40
N ASN A 191 4.05 -10.16 11.52
CA ASN A 191 4.74 -9.58 12.66
C ASN A 191 6.16 -9.25 12.16
N GLN A 192 6.68 -8.10 12.56
CA GLN A 192 7.91 -7.55 12.10
C GLN A 192 7.93 -7.61 10.57
N THR A 193 7.00 -6.85 10.00
CA THR A 193 6.97 -6.69 8.54
C THR A 193 8.37 -6.25 8.05
N VAL A 194 8.83 -6.86 6.98
CA VAL A 194 10.12 -6.52 6.36
C VAL A 194 9.92 -5.54 5.21
N ILE A 195 10.67 -4.45 5.18
CA ILE A 195 10.65 -3.50 4.06
C ILE A 195 12.03 -3.59 3.40
N ALA A 196 12.08 -4.30 2.28
CA ALA A 196 13.32 -4.51 1.56
C ALA A 196 13.32 -3.68 0.26
N PHE A 197 14.41 -2.95 0.05
CA PHE A 197 14.58 -2.08 -1.11
C PHE A 197 15.53 -2.68 -2.14
N PRO A 198 15.31 -2.36 -3.41
CA PRO A 198 16.15 -2.97 -4.45
C PRO A 198 17.58 -2.58 -4.41
N ASP A 199 17.91 -1.47 -3.71
CA ASP A 199 19.27 -1.04 -3.55
C ASP A 199 19.97 -1.74 -2.37
N GLY A 200 19.28 -2.68 -1.76
CA GLY A 200 19.82 -3.47 -0.65
C GLY A 200 19.54 -2.94 0.75
N ASP A 201 19.02 -1.70 0.86
CA ASP A 201 18.57 -1.22 2.18
C ASP A 201 17.43 -2.14 2.64
N CYS A 202 17.34 -2.37 3.95
CA CYS A 202 16.27 -3.18 4.49
C CYS A 202 16.02 -2.82 5.93
N TRP A 203 14.73 -2.81 6.31
CA TRP A 203 14.32 -2.44 7.62
C TRP A 203 13.25 -3.42 8.10
N LEU A 204 13.10 -3.47 9.40
CA LEU A 204 11.96 -4.15 10.06
C LEU A 204 11.02 -3.11 10.65
N ASN A 205 9.73 -3.40 10.61
CA ASN A 205 8.74 -2.55 11.25
C ASN A 205 8.51 -2.97 12.68
N PRO A 206 8.63 -2.03 13.64
CA PRO A 206 8.46 -2.42 15.03
C PRO A 206 7.05 -2.33 15.64
N THR A 207 6.10 -1.83 14.86
CA THR A 207 4.75 -1.56 15.38
C THR A 207 3.77 -2.63 14.92
N GLY A 208 2.61 -2.65 15.57
CA GLY A 208 1.58 -3.55 15.26
C GLY A 208 1.43 -4.69 16.24
N ASN A 209 0.33 -5.41 16.07
CA ASN A 209 0.01 -6.54 16.92
C ASN A 209 -1.03 -7.40 16.26
N GLY A 210 -1.48 -8.43 16.97
CA GLY A 210 -2.42 -9.38 16.39
C GLY A 210 -3.78 -8.85 16.03
N ALA A 211 -4.11 -7.62 16.42
CA ALA A 211 -5.37 -7.00 16.00
C ALA A 211 -5.40 -6.86 14.50
N LEU A 212 -4.22 -6.82 13.89
CA LEU A 212 -4.11 -6.69 12.42
C LEU A 212 -4.33 -7.99 11.66
N ALA A 213 -4.38 -9.12 12.36
CA ALA A 213 -4.50 -10.42 11.72
C ALA A 213 -5.97 -10.71 11.41
N LYS A 214 -6.54 -9.92 10.51
CA LYS A 214 -7.94 -10.03 10.14
C LYS A 214 -8.09 -9.41 8.78
N GLY A 215 -9.05 -9.95 8.00
CA GLY A 215 -9.30 -9.41 6.71
C GLY A 215 -9.47 -7.92 6.61
N GLY A 216 -8.80 -7.34 5.62
CA GLY A 216 -8.96 -5.96 5.24
C GLY A 216 -7.84 -5.05 5.68
N THR A 217 -7.05 -5.48 6.66
CA THR A 217 -6.05 -4.58 7.17
C THR A 217 -4.94 -4.31 6.16
N GLY A 218 -4.70 -5.24 5.24
CA GLY A 218 -3.73 -5.01 4.20
C GLY A 218 -4.24 -4.08 3.12
N ASP A 219 -5.55 -4.11 2.83
CA ASP A 219 -6.14 -3.17 1.89
C ASP A 219 -5.97 -1.76 2.42
N THR A 220 -6.24 -1.56 3.72
CA THR A 220 -6.03 -0.28 4.39
C THR A 220 -4.54 0.16 4.24
N LEU A 221 -3.62 -0.76 4.50
CA LEU A 221 -2.19 -0.44 4.33
C LEU A 221 -1.85 0.02 2.90
N THR A 222 -2.33 -0.69 1.89
CA THR A 222 -2.07 -0.28 0.51
C THR A 222 -2.50 1.13 0.28
N GLY A 223 -3.70 1.48 0.78
CA GLY A 223 -4.12 2.88 0.63
C GLY A 223 -3.23 3.85 1.38
N MET A 224 -2.85 3.49 2.58
CA MET A 224 -1.94 4.37 3.34
C MET A 224 -0.62 4.63 2.61
N ILE A 225 -0.04 3.58 2.04
CA ILE A 225 1.18 3.75 1.26
C ILE A 225 0.91 4.70 0.07
N LEU A 226 -0.20 4.49 -0.66
CA LEU A 226 -0.57 5.32 -1.80
C LEU A 226 -0.64 6.78 -1.41
N GLY A 227 -1.34 7.10 -0.34
CA GLY A 227 -1.42 8.51 0.10
C GLY A 227 -0.09 9.05 0.54
N MET A 228 0.68 8.26 1.28
CA MET A 228 1.97 8.76 1.78
C MET A 228 2.95 9.01 0.64
N LEU A 229 2.85 8.27 -0.44
CA LEU A 229 3.67 8.53 -1.61
C LEU A 229 3.37 9.89 -2.25
N CYS A 230 2.19 10.40 -2.00
CA CYS A 230 1.81 11.68 -2.53
C CYS A 230 2.31 12.84 -1.70
N CYS A 231 2.52 12.68 -0.41
CA CYS A 231 2.97 13.80 0.45
C CYS A 231 4.40 13.74 0.92
N HIS A 232 5.12 12.63 0.69
CA HIS A 232 6.55 12.55 0.95
C HIS A 232 7.33 12.78 -0.34
N GLU A 233 8.36 13.60 -0.31
CA GLU A 233 9.26 13.70 -1.45
C GLU A 233 10.03 12.40 -1.71
N ASP A 234 10.38 11.68 -0.63
CA ASP A 234 11.17 10.45 -0.74
C ASP A 234 10.27 9.25 -0.60
N PRO A 235 10.03 8.52 -1.69
CA PRO A 235 9.06 7.40 -1.64
C PRO A 235 9.49 6.30 -0.70
N LYS A 236 10.79 6.18 -0.45
CA LYS A 236 11.24 5.18 0.54
C LYS A 236 10.66 5.49 1.91
N HIS A 237 10.75 6.75 2.29
CA HIS A 237 10.21 7.20 3.57
C HIS A 237 8.68 7.06 3.62
N ALA A 238 7.98 7.27 2.48
CA ALA A 238 6.55 7.09 2.44
C ALA A 238 6.19 5.64 2.81
N VAL A 239 6.87 4.68 2.19
CA VAL A 239 6.58 3.29 2.48
C VAL A 239 6.85 2.96 3.94
N LEU A 240 8.03 3.34 4.44
CA LEU A 240 8.41 3.01 5.82
C LEU A 240 7.43 3.64 6.83
N ASN A 241 7.10 4.91 6.63
CA ASN A 241 6.15 5.59 7.51
C ASN A 241 4.74 5.04 7.45
N ALA A 242 4.32 4.60 6.27
CA ALA A 242 2.98 4.02 6.18
C ALA A 242 2.88 2.72 6.97
N VAL A 243 3.88 1.86 6.78
CA VAL A 243 3.88 0.58 7.47
C VAL A 243 3.96 0.82 9.01
N TYR A 244 4.78 1.78 9.41
CA TYR A 244 4.94 2.11 10.81
C TYR A 244 3.62 2.63 11.42
N LEU A 245 3.07 3.67 10.80
CA LEU A 245 1.84 4.31 11.33
C LEU A 245 0.66 3.35 11.32
N HIS A 246 0.54 2.49 10.30
CA HIS A 246 -0.47 1.46 10.25
C HIS A 246 -0.41 0.58 11.49
N GLY A 247 0.79 0.11 11.83
CA GLY A 247 0.97 -0.70 13.02
C GLY A 247 0.66 0.08 14.31
N ALA A 248 1.10 1.33 14.34
CA ALA A 248 0.89 2.16 15.51
C ALA A 248 -0.59 2.40 15.78
N CYS A 249 -1.40 2.44 14.71
CA CYS A 249 -2.87 2.56 14.90
C CYS A 249 -3.45 1.33 15.64
N ALA A 250 -2.97 0.13 15.28
CA ALA A 250 -3.38 -1.09 16.00
C ALA A 250 -2.97 -1.07 17.44
N GLU A 251 -1.78 -0.56 17.71
CA GLU A 251 -1.34 -0.44 19.11
C GLU A 251 -2.18 0.52 19.91
N LEU A 252 -2.55 1.66 19.33
CA LEU A 252 -3.46 2.59 20.03
C LEU A 252 -4.81 1.93 20.32
N TRP A 253 -5.34 1.18 19.34
CA TRP A 253 -6.58 0.44 19.55
C TRP A 253 -6.53 -0.46 20.76
N THR A 254 -5.47 -1.22 20.92
CA THR A 254 -5.41 -2.22 21.99
C THR A 254 -5.24 -1.61 23.40
N ASP A 255 -5.01 -0.29 23.49
CA ASP A 255 -4.92 0.31 24.82
C ASP A 255 -6.23 0.12 25.58
N GLU A 256 -7.37 0.27 24.90
CA GLU A 256 -8.67 0.19 25.54
C GLU A 256 -9.67 -0.71 24.89
N HIS A 257 -9.24 -1.41 23.85
CA HIS A 257 -10.08 -2.35 23.11
C HIS A 257 -9.38 -3.69 22.95
N SER A 258 -10.12 -4.78 22.95
CA SER A 258 -9.52 -6.08 22.72
C SER A 258 -8.95 -6.22 21.31
N ALA A 259 -7.74 -6.79 21.23
CA ALA A 259 -7.15 -7.07 19.95
C ALA A 259 -7.97 -8.00 19.05
N HIS A 260 -8.90 -8.77 19.59
CA HIS A 260 -9.77 -9.61 18.76
C HIS A 260 -10.82 -8.87 17.99
N THR A 261 -11.02 -7.58 18.28
CA THR A 261 -12.25 -6.88 17.88
C THR A 261 -12.07 -5.74 16.88
N LEU A 262 -10.85 -5.45 16.45
CA LEU A 262 -10.60 -4.37 15.51
C LEU A 262 -11.19 -4.68 14.12
N LEU A 263 -11.78 -3.69 13.51
CA LEU A 263 -12.14 -3.77 12.09
C LEU A 263 -11.19 -2.87 11.31
N ALA A 264 -10.67 -3.34 10.17
CA ALA A 264 -9.66 -2.60 9.42
C ALA A 264 -9.97 -1.13 9.18
N HIS A 265 -11.22 -0.80 8.83
CA HIS A 265 -11.54 0.61 8.52
C HIS A 265 -11.24 1.52 9.69
N GLU A 266 -11.28 0.98 10.92
CA GLU A 266 -11.03 1.77 12.09
C GLU A 266 -9.58 2.22 12.15
N LEU A 267 -8.66 1.50 11.50
CA LEU A 267 -7.28 1.96 11.47
C LEU A 267 -7.20 3.35 10.82
N SER A 268 -7.97 3.56 9.78
CA SER A 268 -8.08 4.84 9.10
C SER A 268 -8.65 5.95 9.97
N ASP A 269 -9.61 5.58 10.82
CA ASP A 269 -10.31 6.47 11.73
C ASP A 269 -9.31 6.89 12.86
N ILE A 270 -8.37 5.99 13.23
CA ILE A 270 -7.38 6.23 14.31
C ILE A 270 -6.16 7.03 13.86
N LEU A 271 -5.82 6.89 12.59
CA LEU A 271 -4.61 7.51 12.01
C LEU A 271 -4.53 9.02 12.27
N PRO A 272 -5.65 9.77 12.17
CA PRO A 272 -5.53 11.25 12.44
C PRO A 272 -4.84 11.60 13.76
N ARG A 273 -5.23 10.90 14.83
CA ARG A 273 -4.68 11.20 16.17
C ARG A 273 -3.29 10.60 16.31
N VAL A 274 -3.07 9.40 15.76
CA VAL A 274 -1.76 8.76 15.84
C VAL A 274 -0.70 9.58 15.09
N TRP A 275 -1.02 10.04 13.88
CA TRP A 275 -0.10 10.83 13.10
C TRP A 275 0.26 12.10 13.83
N LYS A 276 -0.69 12.73 14.52
CA LYS A 276 -0.43 13.98 15.23
C LYS A 276 0.66 13.82 16.29
N ARG A 277 0.66 12.67 16.92
CA ARG A 277 1.62 12.38 17.97
C ARG A 277 3.07 12.36 17.49
N PHE A 278 3.28 12.09 16.20
CA PHE A 278 4.61 11.99 15.58
C PHE A 278 5.03 13.27 14.89
N GLU A 279 4.25 14.35 15.09
CA GLU A 279 4.53 15.66 14.50
C GLU A 279 5.26 16.54 15.53
MG MG B . -3.76 -8.58 1.22
N9A BA3 C . -0.46 -8.16 10.42
C8A BA3 C . -1.14 -9.35 10.44
N7A BA3 C . -0.86 -9.99 11.60
C5A BA3 C . -0.01 -9.21 12.33
C6A BA3 C . 0.59 -9.37 13.57
N6A BA3 C . 0.38 -10.48 14.24
N1A BA3 C . 1.45 -8.38 14.04
C2A BA3 C . 1.68 -7.23 13.32
N3A BA3 C . 1.08 -7.07 12.05
C4A BA3 C . 0.26 -8.05 11.59
O5B BA3 C . -2.44 -7.63 5.37
C5B BA3 C . -2.40 -7.98 6.74
C4B BA3 C . -1.81 -6.76 7.45
O4B BA3 C . -1.85 -7.10 8.84
C3B BA3 C . -0.30 -6.58 7.18
O3B BA3 C . 0.06 -5.22 7.29
C2B BA3 C . 0.41 -7.43 8.22
O2B BA3 C . 1.78 -7.16 8.45
C1B BA3 C . -0.50 -7.13 9.38
PE BA3 C . -2.98 -8.73 4.36
O1E BA3 C . -2.52 -10.15 4.57
O2E BA3 C . -2.80 -8.22 2.92
O3E BA3 C . -4.61 -8.57 4.73
PF BA3 C . -5.89 -8.36 3.70
O1F BA3 C . -6.42 -6.98 3.72
O2F BA3 C . -6.96 -9.38 4.15
O3F BA3 C . -5.39 -8.72 2.24
#